data_6KN1
#
_entry.id   6KN1
#
_cell.length_a   52.001
_cell.length_b   99.941
_cell.length_c   58.294
_cell.angle_alpha   90.00
_cell.angle_beta   114.38
_cell.angle_gamma   90.00
#
_symmetry.space_group_name_H-M   'P 1 21 1'
#
loop_
_entity.id
_entity.type
_entity.pdbx_description
1 polymer Caspase-4
2 polymer Caspase-4
3 polymer Caspase-4
4 polymer Caspase-4
5 water water
#
loop_
_entity_poly.entity_id
_entity_poly.type
_entity_poly.pdbx_seq_one_letter_code
_entity_poly.pdbx_strand_id
1 'polypeptide(L)'
;LKLCSPEEFTRLCREKTQEIYPIKEANGRTRKALIICNTEFKHLSLRYGANFDIIGMKGLLEDLGYDVVVKEELTAEGME
SEMKDFAALSEHQTSDSTFLVLMSHGTLHGICGTMHSEKTPDVLQYDTIYQIFNNCHCPGLRDKPKVIIVQAARGGNSGE
MWIR
;
A
2 'polypeptide(L)'
;VKLSHVEKDFIAFYSTTPHHLSYRDKTGGSYFITRLISCFRKHACSCHLFDIFLKVQQSFEKASIHSQMPTIDRATLTRY
FYLFPGN
;
B
3 'polypeptide(L)'
;FTRLCREKTQEIYPIKEANGRTRKALIICNTEFKHLSLRYGANFDIIGMKGLLEDLGYDVVVKEELTAEGMESEMKDFAA
LSEHQTSDSTFLVLMSHGTLHGICGTMHSEKTPDVLQYDTIYQIFNNCHCPGLRDKPKVIIVQAARGGNSGEMWI
;
C
4 'polypeptide(L)'
;AVKLSHVEKDFIAFYSTTPHHLSYRDKTGGSYFITRLISCFRKHACSCHLFDIFLKVQQSFEKASIHSQMPTIDRATLTR
YFYLFPGN
;
D
#
# COMPACT_ATOMS: atom_id res chain seq x y z
N LEU A 1 -6.03 0.01 26.54
CA LEU A 1 -6.27 -0.92 25.46
C LEU A 1 -7.48 -1.82 25.71
N LYS A 2 -8.51 -1.67 24.89
CA LYS A 2 -9.68 -2.54 25.01
C LYS A 2 -9.34 -3.94 24.52
N LEU A 3 -9.79 -4.94 25.26
CA LEU A 3 -9.43 -6.32 25.00
C LEU A 3 -10.54 -7.04 24.23
N CYS A 4 -10.13 -8.05 23.47
CA CYS A 4 -11.05 -8.96 22.81
C CYS A 4 -11.33 -10.13 23.75
N SER A 5 -12.59 -10.58 23.76
CA SER A 5 -12.94 -11.67 24.65
C SER A 5 -12.43 -13.00 24.11
N PRO A 6 -12.12 -13.96 24.99
CA PRO A 6 -11.75 -15.29 24.50
C PRO A 6 -12.81 -15.94 23.63
N GLU A 7 -14.10 -15.63 23.88
CA GLU A 7 -15.16 -16.22 23.07
C GLU A 7 -15.09 -15.73 21.63
N GLU A 8 -14.91 -14.42 21.45
CA GLU A 8 -14.82 -13.86 20.10
C GLU A 8 -13.51 -14.25 19.43
N PHE A 9 -12.42 -14.31 20.20
CA PHE A 9 -11.15 -14.82 19.69
C PHE A 9 -11.31 -16.23 19.13
N THR A 10 -11.99 -17.09 19.90
CA THR A 10 -12.18 -18.47 19.45
C THR A 10 -13.17 -18.55 18.30
N ARG A 11 -14.23 -17.72 18.34
CA ARG A 11 -15.24 -17.76 17.29
C ARG A 11 -14.64 -17.41 15.93
N LEU A 12 -13.86 -16.33 15.88
CA LEU A 12 -13.28 -15.89 14.61
C LEU A 12 -12.23 -16.87 14.10
N CYS A 13 -11.34 -17.35 14.98
CA CYS A 13 -10.32 -18.30 14.57
C CYS A 13 -10.91 -19.62 14.10
N ARG A 14 -12.19 -19.86 14.39
CA ARG A 14 -12.85 -21.11 13.94
C ARG A 14 -13.66 -20.89 12.66
N GLU A 15 -14.47 -19.82 12.65
CA GLU A 15 -15.38 -19.46 11.54
C GLU A 15 -14.63 -19.01 10.28
N LYS A 16 -13.55 -18.24 10.42
CA LYS A 16 -12.84 -17.75 9.21
C LYS A 16 -11.35 -18.09 9.32
N THR A 17 -11.07 -19.38 9.48
CA THR A 17 -9.70 -19.89 9.68
C THR A 17 -8.82 -19.62 8.45
N GLN A 18 -9.35 -19.78 7.24
CA GLN A 18 -8.52 -19.63 6.05
C GLN A 18 -8.27 -18.18 5.66
N GLU A 19 -8.94 -17.22 6.28
CA GLU A 19 -8.79 -15.82 5.87
C GLU A 19 -8.29 -14.91 6.98
N ILE A 20 -7.83 -15.45 8.11
CA ILE A 20 -7.15 -14.67 9.13
C ILE A 20 -5.79 -15.29 9.40
N TYR A 21 -4.83 -14.46 9.78
CA TYR A 21 -3.54 -14.98 10.16
C TYR A 21 -3.67 -15.74 11.48
N PRO A 22 -3.17 -16.97 11.55
CA PRO A 22 -3.30 -17.75 12.78
C PRO A 22 -2.53 -17.11 13.92
N ILE A 23 -3.13 -17.12 15.11
CA ILE A 23 -2.56 -16.53 16.30
C ILE A 23 -2.10 -17.65 17.22
N LYS A 24 -0.90 -17.52 17.77
CA LYS A 24 -0.42 -18.48 18.75
C LYS A 24 -0.96 -18.13 20.13
N GLU A 25 -1.33 -19.15 20.90
CA GLU A 25 -1.76 -18.91 22.27
C GLU A 25 -0.61 -18.34 23.08
N ALA A 26 -0.95 -17.44 24.01
CA ALA A 26 0.06 -16.67 24.74
C ALA A 26 0.99 -17.54 25.60
N ASN A 27 0.61 -18.77 25.94
CA ASN A 27 1.42 -19.53 26.92
C ASN A 27 2.88 -19.70 26.47
N GLY A 28 3.13 -20.15 25.25
CA GLY A 28 4.53 -20.32 24.82
C GLY A 28 4.95 -19.30 23.79
N ARG A 29 4.11 -18.27 23.63
CA ARG A 29 4.29 -17.26 22.60
C ARG A 29 5.41 -16.29 22.97
N THR A 30 6.22 -15.92 21.98
CA THR A 30 7.38 -15.06 22.18
C THR A 30 7.40 -13.93 21.15
N ARG A 31 6.35 -13.10 21.13
CA ARG A 31 6.30 -11.99 20.19
C ARG A 31 7.43 -11.00 20.41
N LYS A 32 8.11 -10.63 19.33
CA LYS A 32 9.15 -9.62 19.35
C LYS A 32 8.78 -8.48 18.42
N ALA A 33 9.04 -7.25 18.85
CA ALA A 33 8.93 -6.08 17.98
C ALA A 33 10.20 -5.25 18.12
N LEU A 34 10.47 -4.44 17.10
CA LEU A 34 11.69 -3.65 17.01
C LEU A 34 11.35 -2.18 16.82
N ILE A 35 11.98 -1.32 17.61
CA ILE A 35 11.89 0.12 17.43
C ILE A 35 13.29 0.67 17.20
N ILE A 36 13.51 1.27 16.04
CA ILE A 36 14.74 1.97 15.73
C ILE A 36 14.44 3.46 15.67
N CYS A 37 15.16 4.25 16.47
CA CYS A 37 14.90 5.68 16.55
C CYS A 37 16.21 6.45 16.58
N ASN A 38 16.31 7.46 15.71
CA ASN A 38 17.44 8.38 15.67
C ASN A 38 16.97 9.76 16.09
N THR A 39 17.52 10.27 17.19
CA THR A 39 17.16 11.60 17.69
C THR A 39 18.20 12.66 17.37
N GLU A 40 19.48 12.35 17.57
CA GLU A 40 20.54 13.32 17.41
C GLU A 40 21.36 12.98 16.16
N PHE A 41 21.71 14.01 15.40
CA PHE A 41 22.33 13.86 14.10
C PHE A 41 23.55 14.76 13.99
N LYS A 42 24.54 14.30 13.24
CA LYS A 42 25.74 15.09 13.04
C LYS A 42 25.44 16.37 12.26
N HIS A 43 24.61 16.27 11.22
CA HIS A 43 24.37 17.39 10.33
C HIS A 43 22.92 17.86 10.29
N LEU A 44 21.98 17.10 10.85
CA LEU A 44 20.56 17.39 10.75
C LEU A 44 20.01 17.80 12.11
N SER A 45 18.80 18.34 12.10
CA SER A 45 18.22 18.93 13.29
C SER A 45 17.80 17.86 14.30
N LEU A 46 17.84 18.25 15.57
CA LEU A 46 17.42 17.39 16.66
C LEU A 46 15.93 17.09 16.56
N ARG A 47 15.55 15.84 16.83
CA ARG A 47 14.16 15.41 16.68
C ARG A 47 13.48 15.44 18.05
N TYR A 48 13.09 16.64 18.47
CA TYR A 48 12.37 16.80 19.73
C TYR A 48 11.06 16.04 19.68
N GLY A 49 10.67 15.48 20.83
CA GLY A 49 9.47 14.67 20.91
C GLY A 49 9.62 13.23 20.47
N ALA A 50 10.77 12.85 19.90
CA ALA A 50 10.97 11.46 19.50
C ALA A 50 10.84 10.51 20.68
N ASN A 51 11.32 10.92 21.87
CA ASN A 51 11.21 10.01 23.00
C ASN A 51 9.77 9.81 23.43
N PHE A 52 8.94 10.84 23.26
CA PHE A 52 7.50 10.66 23.47
C PHE A 52 6.93 9.61 22.53
N ASP A 53 7.40 9.59 21.27
CA ASP A 53 6.93 8.57 20.33
C ASP A 53 7.43 7.18 20.73
N ILE A 54 8.70 7.07 21.13
CA ILE A 54 9.23 5.77 21.58
C ILE A 54 8.36 5.23 22.72
N ILE A 55 8.18 6.04 23.76
CA ILE A 55 7.44 5.58 24.94
C ILE A 55 6.03 5.17 24.55
N GLY A 56 5.40 5.95 23.68
CA GLY A 56 4.03 5.64 23.27
C GLY A 56 3.94 4.36 22.44
N MET A 57 4.85 4.19 21.48
CA MET A 57 4.82 2.97 20.67
C MET A 57 5.26 1.76 21.48
N LYS A 58 6.28 1.92 22.34
CA LYS A 58 6.74 0.82 23.18
C LYS A 58 5.61 0.29 24.05
N GLY A 59 4.89 1.19 24.72
CA GLY A 59 3.82 0.77 25.60
C GLY A 59 2.66 0.11 24.87
N LEU A 60 2.31 0.63 23.68
CA LEU A 60 1.25 0.02 22.90
C LEU A 60 1.61 -1.39 22.45
N LEU A 61 2.85 -1.59 21.99
CA LEU A 61 3.26 -2.90 21.50
C LEU A 61 3.34 -3.90 22.65
N GLU A 62 3.77 -3.46 23.83
CA GLU A 62 3.76 -4.34 24.99
C GLU A 62 2.35 -4.74 25.37
N ASP A 63 1.43 -3.77 25.40
CA ASP A 63 0.02 -4.07 25.64
C ASP A 63 -0.52 -5.03 24.60
N LEU A 64 0.02 -5.01 23.39
CA LEU A 64 -0.39 -5.94 22.34
C LEU A 64 0.29 -7.30 22.44
N GLY A 65 1.24 -7.47 23.34
CA GLY A 65 1.88 -8.76 23.56
C GLY A 65 3.29 -8.89 23.04
N TYR A 66 3.91 -7.81 22.59
CA TYR A 66 5.25 -7.88 22.02
C TYR A 66 6.29 -7.48 23.07
N ASP A 67 7.39 -8.24 23.11
CA ASP A 67 8.58 -7.78 23.81
C ASP A 67 9.35 -6.86 22.87
N VAL A 68 9.58 -5.62 23.30
CA VAL A 68 10.04 -4.56 22.42
C VAL A 68 11.55 -4.37 22.56
N VAL A 69 12.24 -4.45 21.43
CA VAL A 69 13.66 -4.15 21.32
C VAL A 69 13.79 -2.74 20.80
N VAL A 70 14.54 -1.90 21.53
CA VAL A 70 14.74 -0.49 21.13
C VAL A 70 16.22 -0.25 20.86
N LYS A 71 16.53 0.30 19.69
CA LYS A 71 17.92 0.64 19.29
C LYS A 71 17.91 2.11 18.88
N GLU A 72 18.90 2.90 19.33
CA GLU A 72 18.89 4.35 19.02
C GLU A 72 20.23 4.85 18.51
N GLU A 73 20.21 6.00 17.84
CA GLU A 73 21.44 6.68 17.37
C GLU A 73 22.28 5.75 16.51
N LEU A 74 21.72 5.27 15.41
CA LEU A 74 22.44 4.33 14.50
C LEU A 74 22.67 4.95 13.13
N THR A 75 23.81 4.62 12.53
CA THR A 75 24.04 4.96 11.12
C THR A 75 23.18 4.05 10.25
N ALA A 76 23.29 4.22 8.92
CA ALA A 76 22.54 3.33 8.04
C ALA A 76 23.03 1.90 8.16
N GLU A 77 24.36 1.71 8.21
CA GLU A 77 24.91 0.37 8.41
C GLU A 77 24.55 -0.17 9.79
N GLY A 78 24.45 0.68 10.80
CA GLY A 78 24.03 0.22 12.11
C GLY A 78 22.59 -0.25 12.11
N MET A 79 21.71 0.49 11.43
CA MET A 79 20.33 0.05 11.31
C MET A 79 20.23 -1.29 10.58
N GLU A 80 21.00 -1.45 9.50
CA GLU A 80 21.02 -2.72 8.77
C GLU A 80 21.50 -3.85 9.66
N SER A 81 22.61 -3.63 10.37
CA SER A 81 23.12 -4.64 11.28
C SER A 81 22.08 -5.04 12.32
N GLU A 82 21.44 -4.05 12.96
CA GLU A 82 20.47 -4.34 14.01
C GLU A 82 19.25 -5.06 13.47
N MET A 83 18.80 -4.69 12.26
CA MET A 83 17.65 -5.38 11.66
C MET A 83 17.99 -6.83 11.34
N LYS A 84 19.18 -7.07 10.78
CA LYS A 84 19.60 -8.45 10.53
C LYS A 84 19.69 -9.25 11.83
N ASP A 85 20.23 -8.64 12.89
CA ASP A 85 20.26 -9.30 14.20
C ASP A 85 18.85 -9.63 14.66
N PHE A 86 17.93 -8.66 14.55
CA PHE A 86 16.55 -8.85 14.98
C PHE A 86 15.83 -9.88 14.11
N ALA A 87 16.09 -9.86 12.80
CA ALA A 87 15.46 -10.84 11.92
C ALA A 87 15.89 -12.27 12.24
N ALA A 88 17.05 -12.44 12.84
CA ALA A 88 17.59 -13.77 13.13
C ALA A 88 17.26 -14.27 14.53
N LEU A 89 16.48 -13.52 15.31
CA LEU A 89 16.11 -14.00 16.65
C LEU A 89 15.29 -15.27 16.54
N SER A 90 15.68 -16.30 17.32
CA SER A 90 14.93 -17.55 17.23
C SER A 90 13.54 -17.42 17.82
N GLU A 91 13.29 -16.38 18.62
CA GLU A 91 11.96 -16.17 19.19
C GLU A 91 10.90 -15.89 18.13
N HIS A 92 11.29 -15.49 16.92
CA HIS A 92 10.30 -15.31 15.86
C HIS A 92 9.61 -16.62 15.52
N GLN A 93 10.33 -17.75 15.63
CA GLN A 93 9.70 -19.02 15.28
C GLN A 93 8.54 -19.34 16.20
N THR A 94 8.64 -18.98 17.48
CA THR A 94 7.55 -19.16 18.43
C THR A 94 6.64 -17.93 18.53
N SER A 95 6.75 -17.02 17.57
CA SER A 95 5.87 -15.86 17.47
C SER A 95 4.93 -16.05 16.28
N ASP A 96 4.00 -15.11 16.12
CA ASP A 96 3.05 -15.15 15.02
C ASP A 96 3.07 -13.91 14.13
N SER A 97 3.95 -12.97 14.42
CA SER A 97 3.92 -11.66 13.76
C SER A 97 5.07 -10.83 14.31
N THR A 98 5.34 -9.70 13.65
CA THR A 98 6.23 -8.72 14.23
C THR A 98 5.83 -7.33 13.77
N PHE A 99 6.24 -6.34 14.57
CA PHE A 99 6.15 -4.93 14.20
C PHE A 99 7.56 -4.38 14.13
N LEU A 100 7.82 -3.57 13.11
CA LEU A 100 9.09 -2.89 12.89
C LEU A 100 8.78 -1.41 12.80
N VAL A 101 9.16 -0.65 13.81
CA VAL A 101 8.85 0.79 13.89
C VAL A 101 10.14 1.57 13.69
N LEU A 102 10.17 2.42 12.66
CA LEU A 102 11.36 3.19 12.30
C LEU A 102 11.05 4.69 12.42
N MET A 103 11.83 5.37 13.25
CA MET A 103 11.65 6.84 13.51
C MET A 103 12.97 7.58 13.29
N SER A 104 12.99 8.50 12.34
CA SER A 104 14.20 9.29 11.99
C SER A 104 13.85 10.37 10.98
N HIS A 105 14.87 11.09 10.54
CA HIS A 105 14.71 12.00 9.39
C HIS A 105 14.58 11.09 8.17
N GLY A 106 13.78 11.47 7.20
CA GLY A 106 13.52 10.64 6.05
C GLY A 106 13.73 11.40 4.75
N THR A 107 14.00 10.63 3.71
CA THR A 107 14.03 11.09 2.33
C THR A 107 13.00 10.27 1.55
N LEU A 108 12.87 10.60 0.26
CA LEU A 108 11.94 9.89 -0.60
C LEU A 108 12.21 8.39 -0.61
N HIS A 109 13.48 7.99 -0.60
CA HIS A 109 13.84 6.61 -0.84
C HIS A 109 14.39 5.90 0.38
N GLY A 110 14.54 6.58 1.51
CA GLY A 110 15.05 5.85 2.66
C GLY A 110 15.00 6.66 3.94
N ILE A 111 15.43 6.00 5.01
CA ILE A 111 15.48 6.58 6.35
C ILE A 111 16.93 6.96 6.66
N CYS A 112 17.10 8.11 7.31
CA CYS A 112 18.42 8.69 7.51
C CYS A 112 19.12 8.11 8.74
N GLY A 113 20.40 7.77 8.57
CA GLY A 113 21.25 7.50 9.71
C GLY A 113 21.72 8.79 10.37
N THR A 114 22.37 8.63 11.53
CA THR A 114 22.80 9.76 12.33
C THR A 114 23.79 10.67 11.60
N MET A 115 24.52 10.13 10.62
CA MET A 115 25.59 10.85 9.95
C MET A 115 25.17 11.45 8.61
N HIS A 116 23.87 11.47 8.32
CA HIS A 116 23.43 11.84 6.98
C HIS A 116 23.61 13.34 6.70
N SER A 117 24.00 13.63 5.47
CA SER A 117 23.90 14.97 4.90
C SER A 117 23.95 14.81 3.39
N GLU A 118 23.62 15.89 2.68
CA GLU A 118 23.65 15.85 1.22
C GLU A 118 25.03 15.45 0.70
N LYS A 119 26.08 15.92 1.35
CA LYS A 119 27.44 15.59 0.93
C LYS A 119 27.94 14.27 1.50
N THR A 120 27.36 13.81 2.62
CA THR A 120 27.76 12.55 3.25
C THR A 120 26.53 11.67 3.42
N PRO A 121 26.00 11.07 2.32
CA PRO A 121 24.78 10.29 2.42
C PRO A 121 24.92 9.12 3.40
N ASP A 122 23.94 9.00 4.28
CA ASP A 122 23.85 7.92 5.30
C ASP A 122 22.37 7.50 5.34
N VAL A 123 21.94 6.69 4.37
CA VAL A 123 20.49 6.34 4.28
C VAL A 123 20.27 4.84 4.14
N LEU A 124 19.28 4.32 4.87
CA LEU A 124 18.89 2.91 4.69
C LEU A 124 17.69 2.91 3.74
N GLN A 125 17.86 2.33 2.57
CA GLN A 125 16.78 2.20 1.59
C GLN A 125 15.60 1.45 2.20
N TYR A 126 14.39 1.95 1.96
CA TYR A 126 13.22 1.19 2.39
C TYR A 126 13.18 -0.18 1.75
N ASP A 127 13.71 -0.31 0.53
CA ASP A 127 13.74 -1.60 -0.14
C ASP A 127 14.60 -2.60 0.60
N THR A 128 15.65 -2.14 1.29
CA THR A 128 16.53 -3.06 2.02
C THR A 128 15.80 -3.72 3.18
N ILE A 129 14.87 -3.01 3.81
CA ILE A 129 14.11 -3.56 4.92
C ILE A 129 13.39 -4.83 4.49
N TYR A 130 12.73 -4.79 3.33
CA TYR A 130 12.04 -5.97 2.82
C TYR A 130 13.01 -7.10 2.55
N GLN A 131 14.20 -6.77 2.03
CA GLN A 131 15.17 -7.82 1.76
C GLN A 131 15.62 -8.51 3.04
N ILE A 132 15.78 -7.74 4.12
CA ILE A 132 16.25 -8.30 5.37
C ILE A 132 15.22 -9.26 5.98
N PHE A 133 13.94 -8.95 5.82
CA PHE A 133 12.87 -9.67 6.52
C PHE A 133 12.05 -10.59 5.63
N ASN A 134 12.41 -10.76 4.35
CA ASN A 134 11.55 -11.55 3.47
C ASN A 134 11.76 -13.05 3.71
N ASN A 135 11.03 -13.87 2.94
CA ASN A 135 11.05 -15.31 3.15
C ASN A 135 12.40 -15.93 2.86
N CYS A 136 13.25 -15.25 2.08
CA CYS A 136 14.58 -15.76 1.81
C CYS A 136 15.51 -15.56 2.99
N HIS A 137 15.45 -14.40 3.65
CA HIS A 137 16.44 -14.02 4.64
C HIS A 137 15.94 -14.08 6.09
N CYS A 138 14.64 -14.26 6.31
CA CYS A 138 14.08 -14.29 7.66
C CYS A 138 13.17 -15.51 7.79
N PRO A 139 13.74 -16.68 8.09
CA PRO A 139 12.90 -17.90 8.09
C PRO A 139 11.91 -17.94 9.22
N GLY A 140 12.23 -17.36 10.39
CA GLY A 140 11.35 -17.44 11.54
C GLY A 140 10.04 -16.71 11.36
N LEU A 141 9.98 -15.73 10.46
CA LEU A 141 8.75 -14.98 10.20
C LEU A 141 8.09 -15.36 8.87
N ARG A 142 8.48 -16.47 8.26
CA ARG A 142 7.80 -16.93 7.05
C ARG A 142 6.33 -17.18 7.34
N ASP A 143 5.47 -16.70 6.45
CA ASP A 143 4.01 -16.79 6.50
C ASP A 143 3.39 -15.94 7.61
N LYS A 144 4.16 -15.06 8.25
CA LYS A 144 3.63 -14.28 9.36
C LYS A 144 3.65 -12.79 9.03
N PRO A 145 2.66 -12.02 9.52
CA PRO A 145 2.59 -10.58 9.21
C PRO A 145 3.80 -9.81 9.73
N LYS A 146 4.39 -9.03 8.86
CA LYS A 146 5.52 -8.15 9.17
C LYS A 146 5.04 -6.73 8.94
N VAL A 147 4.75 -6.01 10.02
CA VAL A 147 4.14 -4.69 9.95
C VAL A 147 5.22 -3.65 10.14
N ILE A 148 5.40 -2.78 9.14
CA ILE A 148 6.40 -1.72 9.15
C ILE A 148 5.70 -0.39 9.37
N ILE A 149 6.07 0.30 10.44
CA ILE A 149 5.56 1.64 10.76
C ILE A 149 6.69 2.62 10.52
N VAL A 150 6.47 3.62 9.67
CA VAL A 150 7.55 4.53 9.25
C VAL A 150 7.20 5.94 9.71
N GLN A 151 7.88 6.39 10.76
CA GLN A 151 7.76 7.76 11.27
C GLN A 151 8.89 8.59 10.67
N ALA A 152 8.62 9.20 9.53
CA ALA A 152 9.61 9.96 8.80
C ALA A 152 8.92 10.72 7.66
N ALA A 153 9.48 11.87 7.31
CA ALA A 153 9.02 12.55 6.12
C ALA A 153 9.59 11.87 4.88
N ARG A 154 8.91 12.08 3.75
CA ARG A 154 9.35 11.48 2.50
C ARG A 154 9.70 12.55 1.47
N GLY A 155 10.06 13.72 1.94
CA GLY A 155 10.39 14.83 1.07
C GLY A 155 10.24 16.13 1.82
N GLY A 156 10.54 17.22 1.12
CA GLY A 156 10.51 18.54 1.72
C GLY A 156 9.34 19.42 1.35
N ASN A 157 8.35 18.90 0.62
CA ASN A 157 7.27 19.71 0.12
C ASN A 157 6.09 19.70 1.10
N SER A 158 5.41 20.84 1.16
CA SER A 158 4.15 20.92 1.89
C SER A 158 3.13 19.96 1.30
N GLY A 159 2.28 19.41 2.16
CA GLY A 159 1.27 18.44 1.76
C GLY A 159 -0.13 18.99 1.65
N GLU A 160 -0.30 20.30 1.63
CA GLU A 160 -1.61 20.91 1.38
C GLU A 160 -1.44 22.08 0.42
N MET A 161 -2.58 22.61 -0.03
CA MET A 161 -2.59 23.73 -0.95
C MET A 161 -3.97 24.38 -0.91
N TRP A 162 -4.07 25.56 -1.53
CA TRP A 162 -5.31 26.28 -1.63
C TRP A 162 -6.03 25.92 -2.92
N ILE A 163 -7.35 25.74 -2.85
CA ILE A 163 -8.17 25.50 -4.03
C ILE A 163 -9.40 26.40 -3.97
N ARG A 164 -10.12 26.44 -5.09
CA ARG A 164 -11.34 27.24 -5.19
C ARG A 164 -12.47 26.42 -5.79
N VAL B 1 11.25 -30.30 1.58
CA VAL B 1 11.35 -29.28 0.54
C VAL B 1 9.97 -28.76 0.18
N LYS B 2 9.86 -27.43 0.05
CA LYS B 2 8.60 -26.84 -0.36
C LYS B 2 8.88 -25.52 -1.07
N LEU B 3 7.88 -25.04 -1.80
CA LEU B 3 7.97 -23.77 -2.50
C LEU B 3 7.49 -22.65 -1.60
N SER B 4 8.01 -21.45 -1.85
CA SER B 4 7.64 -20.29 -1.07
C SER B 4 7.75 -19.04 -1.93
N HIS B 5 6.87 -18.08 -1.68
CA HIS B 5 7.05 -16.75 -2.25
C HIS B 5 8.32 -16.12 -1.70
N VAL B 6 8.97 -15.30 -2.53
CA VAL B 6 10.12 -14.54 -2.04
C VAL B 6 9.66 -13.45 -1.06
N GLU B 7 8.66 -12.65 -1.45
CA GLU B 7 8.18 -11.56 -0.63
C GLU B 7 6.67 -11.69 -0.44
N LYS B 8 6.25 -11.77 0.82
CA LYS B 8 4.83 -11.91 1.15
C LYS B 8 4.64 -11.54 2.61
N ASP B 9 3.39 -11.18 2.96
CA ASP B 9 2.96 -10.93 4.34
C ASP B 9 3.57 -9.66 4.92
N PHE B 10 3.81 -8.65 4.07
CA PHE B 10 4.30 -7.35 4.49
C PHE B 10 3.19 -6.31 4.40
N ILE B 11 3.22 -5.35 5.31
CA ILE B 11 2.44 -4.13 5.14
C ILE B 11 3.23 -2.98 5.73
N ALA B 12 3.21 -1.84 5.06
CA ALA B 12 3.92 -0.66 5.52
C ALA B 12 2.93 0.49 5.65
N PHE B 13 3.11 1.27 6.71
CA PHE B 13 2.26 2.41 6.99
C PHE B 13 3.20 3.60 7.23
N TYR B 14 3.24 4.52 6.27
CA TYR B 14 4.10 5.70 6.34
C TYR B 14 3.31 6.88 6.91
N SER B 15 4.02 7.76 7.63
CA SER B 15 3.35 8.91 8.23
C SER B 15 2.85 9.91 7.20
N THR B 16 3.36 9.85 5.96
CA THR B 16 3.02 10.85 4.97
C THR B 16 3.06 10.23 3.58
N THR B 17 2.53 10.98 2.63
CA THR B 17 2.57 10.58 1.20
C THR B 17 3.97 10.91 0.68
N PRO B 18 4.41 10.34 -0.45
CA PRO B 18 5.72 10.67 -0.98
C PRO B 18 5.87 12.16 -1.31
N HIS B 19 7.08 12.68 -1.09
CA HIS B 19 7.59 14.07 -1.33
C HIS B 19 7.07 15.07 -0.29
N HIS B 20 6.37 14.61 0.75
CA HIS B 20 5.71 15.53 1.70
C HIS B 20 6.24 15.42 3.14
N LEU B 21 5.95 16.45 3.92
CA LEU B 21 6.41 16.61 5.29
C LEU B 21 5.50 15.88 6.27
N SER B 22 6.07 15.58 7.43
CA SER B 22 5.36 15.04 8.60
C SER B 22 5.42 16.06 9.72
N TYR B 23 4.38 16.08 10.56
CA TYR B 23 4.27 17.14 11.58
C TYR B 23 4.11 16.61 13.01
N ARG B 24 4.47 17.48 13.94
CA ARG B 24 4.41 17.16 15.38
C ARG B 24 3.44 18.10 16.07
N ASP B 25 3.00 17.66 17.22
CA ASP B 25 2.08 18.34 18.17
C ASP B 25 2.79 19.54 18.78
N LYS B 26 2.02 20.43 19.41
CA LYS B 26 2.64 21.56 20.16
C LYS B 26 3.49 20.96 21.30
N THR B 27 3.01 19.89 21.94
CA THR B 27 3.73 19.13 22.99
C THR B 27 4.96 18.40 22.39
N GLY B 28 5.01 18.14 21.08
CA GLY B 28 6.16 17.47 20.50
C GLY B 28 5.88 16.07 19.97
N GLY B 29 4.71 15.51 20.24
CA GLY B 29 4.40 14.19 19.75
C GLY B 29 4.03 14.19 18.28
N SER B 30 4.37 13.10 17.60
CA SER B 30 3.97 12.95 16.20
C SER B 30 2.47 12.72 16.11
N TYR B 31 1.78 13.52 15.29
CA TYR B 31 0.36 13.27 15.06
C TYR B 31 0.12 11.85 14.60
N PHE B 32 0.97 11.36 13.69
CA PHE B 32 0.83 10.00 13.17
C PHE B 32 0.88 8.98 14.29
N ILE B 33 1.94 9.01 15.10
CA ILE B 33 2.10 8.05 16.18
C ILE B 33 0.95 8.16 17.18
N THR B 34 0.60 9.40 17.56
CA THR B 34 -0.46 9.60 18.55
C THR B 34 -1.78 8.99 18.09
N ARG B 35 -2.17 9.24 16.83
CA ARG B 35 -3.42 8.71 16.32
C ARG B 35 -3.33 7.20 16.10
N LEU B 36 -2.16 6.72 15.68
CA LEU B 36 -1.96 5.28 15.54
C LEU B 36 -2.21 4.57 16.88
N ILE B 37 -1.64 5.10 17.96
CA ILE B 37 -1.86 4.52 19.29
C ILE B 37 -3.33 4.62 19.66
N SER B 38 -3.94 5.78 19.43
CA SER B 38 -5.34 5.99 19.79
C SER B 38 -6.26 5.01 19.06
N CYS B 39 -6.08 4.84 17.75
CA CYS B 39 -6.96 3.92 17.01
C CYS B 39 -6.72 2.48 17.40
N PHE B 40 -5.47 2.10 17.67
CA PHE B 40 -5.19 0.74 18.12
C PHE B 40 -5.87 0.46 19.46
N ARG B 41 -5.71 1.35 20.43
CA ARG B 41 -6.26 1.11 21.75
C ARG B 41 -7.78 1.01 21.71
N LYS B 42 -8.43 1.73 20.79
CA LYS B 42 -9.88 1.74 20.70
C LYS B 42 -10.42 0.59 19.85
N HIS B 43 -9.72 0.20 18.78
CA HIS B 43 -10.30 -0.67 17.76
C HIS B 43 -9.61 -2.01 17.58
N ALA B 44 -8.46 -2.26 18.23
CA ALA B 44 -7.80 -3.54 18.04
C ALA B 44 -8.67 -4.69 18.53
N CYS B 45 -9.55 -4.40 19.48
CA CYS B 45 -10.45 -5.44 20.05
C CYS B 45 -11.42 -5.99 19.00
N SER B 46 -11.84 -5.16 18.03
CA SER B 46 -12.84 -5.65 17.06
C SER B 46 -12.44 -5.47 15.58
N CYS B 47 -11.27 -4.90 15.29
CA CYS B 47 -10.95 -4.66 13.86
C CYS B 47 -9.59 -5.24 13.49
N HIS B 48 -9.45 -5.71 12.25
CA HIS B 48 -8.15 -6.19 11.81
C HIS B 48 -7.27 -5.00 11.40
N LEU B 49 -5.99 -5.30 11.16
CA LEU B 49 -4.97 -4.28 11.02
C LEU B 49 -5.31 -3.25 9.94
N PHE B 50 -5.77 -3.70 8.77
CA PHE B 50 -6.05 -2.75 7.70
C PHE B 50 -7.15 -1.77 8.08
N ASP B 51 -8.20 -2.27 8.74
CA ASP B 51 -9.28 -1.38 9.16
C ASP B 51 -8.80 -0.36 10.19
N ILE B 52 -7.86 -0.76 11.05
CA ILE B 52 -7.27 0.18 12.00
C ILE B 52 -6.48 1.24 11.25
N PHE B 53 -5.65 0.82 10.28
CA PHE B 53 -4.90 1.78 9.47
C PHE B 53 -5.85 2.72 8.74
N LEU B 54 -6.95 2.19 8.22
CA LEU B 54 -7.91 3.04 7.50
C LEU B 54 -8.50 4.10 8.41
N LYS B 55 -8.83 3.73 9.65
CA LYS B 55 -9.35 4.70 10.60
C LYS B 55 -8.32 5.78 10.92
N VAL B 56 -7.03 5.41 11.00
CA VAL B 56 -5.99 6.42 11.16
C VAL B 56 -6.02 7.40 9.99
N GLN B 57 -6.05 6.87 8.76
CA GLN B 57 -6.08 7.72 7.57
C GLN B 57 -7.31 8.62 7.57
N GLN B 58 -8.47 8.09 7.98
CA GLN B 58 -9.68 8.91 8.04
C GLN B 58 -9.50 10.09 8.99
N SER B 59 -8.74 9.91 10.07
CA SER B 59 -8.57 10.99 11.03
C SER B 59 -7.74 12.14 10.47
N PHE B 60 -6.98 11.91 9.40
CA PHE B 60 -6.25 12.95 8.70
C PHE B 60 -6.99 13.46 7.47
N GLU B 61 -8.26 13.07 7.27
CA GLU B 61 -8.92 13.37 6.01
C GLU B 61 -9.14 14.87 5.83
N LYS B 62 -9.64 15.54 6.87
CA LYS B 62 -9.87 16.98 6.79
C LYS B 62 -8.55 17.72 6.67
N ALA B 63 -8.38 18.48 5.59
CA ALA B 63 -7.15 19.22 5.39
C ALA B 63 -7.02 20.36 6.40
N SER B 64 -5.79 20.63 6.83
CA SER B 64 -5.47 21.77 7.67
C SER B 64 -4.24 22.47 7.11
N ILE B 65 -3.77 23.49 7.82
CA ILE B 65 -2.62 24.26 7.33
C ILE B 65 -1.32 23.48 7.40
N HIS B 66 -1.28 22.36 8.14
CA HIS B 66 -0.13 21.46 8.14
C HIS B 66 -0.67 20.03 7.97
N SER B 67 -1.16 19.75 6.77
CA SER B 67 -1.79 18.48 6.44
C SER B 67 -0.74 17.41 6.16
N GLN B 68 -1.11 16.16 6.46
CA GLN B 68 -0.38 15.00 6.00
C GLN B 68 -1.38 13.86 5.87
N MET B 69 -1.04 12.88 5.03
CA MET B 69 -1.91 11.74 4.82
C MET B 69 -1.09 10.46 4.93
N PRO B 70 -1.19 9.74 6.04
CA PRO B 70 -0.52 8.44 6.15
C PRO B 70 -0.88 7.53 4.98
N THR B 71 0.07 6.69 4.59
CA THR B 71 0.01 5.98 3.32
C THR B 71 0.36 4.52 3.54
N ILE B 72 -0.54 3.63 3.11
CA ILE B 72 -0.29 2.20 3.15
C ILE B 72 0.47 1.81 1.90
N ASP B 73 1.54 1.02 2.06
CA ASP B 73 2.45 0.76 0.95
C ASP B 73 2.92 -0.69 0.94
N ARG B 74 3.21 -1.17 -0.27
CA ARG B 74 3.85 -2.48 -0.52
C ARG B 74 3.18 -3.60 0.28
N ALA B 75 1.85 -3.61 0.23
CA ALA B 75 1.06 -4.50 1.08
C ALA B 75 0.88 -5.85 0.39
N THR B 76 1.38 -6.91 1.03
CA THR B 76 1.21 -8.27 0.52
C THR B 76 0.66 -9.21 1.60
N LEU B 77 -0.19 -8.68 2.47
CA LEU B 77 -0.96 -9.57 3.34
C LEU B 77 -1.98 -10.32 2.50
N THR B 78 -2.14 -11.62 2.77
CA THR B 78 -3.14 -12.43 2.08
C THR B 78 -4.31 -12.79 2.98
N ARG B 79 -4.29 -12.37 4.24
CA ARG B 79 -5.36 -12.63 5.19
C ARG B 79 -5.60 -11.39 6.03
N TYR B 80 -6.68 -11.40 6.80
CA TYR B 80 -6.88 -10.37 7.81
C TYR B 80 -5.97 -10.63 8.99
N PHE B 81 -5.36 -9.57 9.51
CA PHE B 81 -4.50 -9.64 10.68
C PHE B 81 -5.26 -9.05 11.86
N TYR B 82 -5.93 -9.92 12.61
CA TYR B 82 -6.51 -9.56 13.90
C TYR B 82 -5.48 -9.77 15.00
N LEU B 83 -5.40 -8.81 15.92
CA LEU B 83 -4.44 -8.88 17.05
C LEU B 83 -5.02 -9.59 18.27
N PHE B 84 -6.35 -9.66 18.39
CA PHE B 84 -7.03 -10.34 19.52
C PHE B 84 -6.43 -9.90 20.85
N PRO B 85 -6.40 -8.58 21.17
CA PRO B 85 -5.74 -8.12 22.38
C PRO B 85 -6.32 -8.80 23.62
N GLY B 86 -5.44 -9.23 24.52
CA GLY B 86 -5.82 -9.94 25.76
C GLY B 86 -5.80 -11.45 25.60
N ASN B 87 -5.57 -11.97 24.39
CA ASN B 87 -5.49 -13.41 24.19
C ASN B 87 -4.09 -13.86 23.79
N PHE C 1 -30.27 -0.83 2.15
CA PHE C 1 -28.87 -0.43 2.25
C PHE C 1 -28.73 1.02 1.83
N THR C 2 -29.69 1.50 1.03
CA THR C 2 -29.60 2.83 0.45
C THR C 2 -29.43 3.90 1.54
N ARG C 3 -30.31 3.91 2.54
CA ARG C 3 -30.17 4.86 3.62
C ARG C 3 -28.92 4.56 4.45
N LEU C 4 -28.54 3.29 4.57
CA LEU C 4 -27.30 2.93 5.25
C LEU C 4 -26.09 3.40 4.46
N CYS C 5 -26.16 3.30 3.13
CA CYS C 5 -25.16 3.92 2.28
C CYS C 5 -25.10 5.43 2.53
N ARG C 6 -26.27 6.09 2.53
CA ARG C 6 -26.31 7.52 2.83
C ARG C 6 -25.78 7.80 4.24
N GLU C 7 -26.11 6.90 5.16
CA GLU C 7 -25.77 7.00 6.60
C GLU C 7 -24.26 7.00 6.80
N LYS C 8 -23.55 6.15 6.05
CA LYS C 8 -22.07 6.03 6.20
C LYS C 8 -21.34 7.01 5.26
N THR C 9 -21.75 8.28 5.28
CA THR C 9 -21.21 9.36 4.42
C THR C 9 -19.82 9.75 4.92
N GLN C 10 -19.41 9.24 6.09
CA GLN C 10 -18.04 9.48 6.57
C GLN C 10 -17.23 8.18 6.46
N GLU C 11 -17.89 7.01 6.47
CA GLU C 11 -17.19 5.69 6.40
C GLU C 11 -16.95 5.18 4.98
N ILE C 12 -17.76 5.59 4.01
CA ILE C 12 -17.65 5.13 2.64
C ILE C 12 -17.64 6.32 1.69
N TYR C 13 -17.07 6.11 0.51
CA TYR C 13 -17.06 7.14 -0.51
C TYR C 13 -18.47 7.33 -1.07
N PRO C 14 -18.90 8.57 -1.28
CA PRO C 14 -20.25 8.77 -1.83
C PRO C 14 -20.33 8.32 -3.27
N ILE C 15 -21.41 7.62 -3.60
CA ILE C 15 -21.64 7.05 -4.93
C ILE C 15 -22.81 7.78 -5.56
N LYS C 16 -22.65 8.17 -6.82
CA LYS C 16 -23.72 8.83 -7.57
C LYS C 16 -24.57 7.79 -8.28
N GLU C 17 -25.87 8.09 -8.36
CA GLU C 17 -26.83 7.20 -9.05
C GLU C 17 -26.57 7.25 -10.55
N ALA C 18 -26.97 6.21 -11.26
CA ALA C 18 -26.69 5.99 -12.69
C ALA C 18 -27.26 7.07 -13.61
N ASN C 19 -28.42 7.64 -13.31
CA ASN C 19 -29.09 8.54 -14.31
C ASN C 19 -28.22 9.71 -14.76
N GLY C 20 -27.63 10.49 -13.87
CA GLY C 20 -26.82 11.62 -14.39
C GLY C 20 -25.32 11.35 -14.34
N ARG C 21 -24.95 10.14 -13.93
CA ARG C 21 -23.53 9.75 -13.73
C ARG C 21 -22.79 9.57 -15.07
N THR C 22 -21.53 10.01 -15.11
CA THR C 22 -20.66 9.88 -16.30
C THR C 22 -19.31 9.29 -15.86
N ARG C 23 -19.33 8.07 -15.34
CA ARG C 23 -18.09 7.40 -14.94
C ARG C 23 -17.21 7.14 -16.15
N LYS C 24 -15.91 7.41 -16.00
CA LYS C 24 -14.93 7.16 -17.05
C LYS C 24 -13.82 6.28 -16.49
N ALA C 25 -13.30 5.43 -17.37
CA ALA C 25 -12.13 4.61 -17.06
C ALA C 25 -11.19 4.64 -18.25
N LEU C 26 -9.91 4.41 -17.98
CA LEU C 26 -8.87 4.45 -18.99
C LEU C 26 -8.09 3.15 -18.97
N ILE C 27 -7.97 2.51 -20.13
CA ILE C 27 -7.07 1.39 -20.33
C ILE C 27 -5.98 1.84 -21.29
N ILE C 28 -4.73 1.74 -20.86
CA ILE C 28 -3.58 1.96 -21.72
C ILE C 28 -2.86 0.62 -21.87
N CYS C 29 -2.61 0.21 -23.11
CA CYS C 29 -1.98 -1.08 -23.36
C CYS C 29 -1.02 -0.98 -24.53
N ASN C 30 0.21 -1.43 -24.33
CA ASN C 30 1.19 -1.59 -25.39
C ASN C 30 1.41 -3.06 -25.65
N THR C 31 1.24 -3.48 -26.91
CA THR C 31 1.43 -4.87 -27.29
C THR C 31 2.68 -5.08 -28.13
N GLU C 32 2.91 -4.25 -29.15
CA GLU C 32 4.07 -4.37 -30.02
C GLU C 32 5.08 -3.29 -29.70
N PHE C 33 6.36 -3.67 -29.71
CA PHE C 33 7.47 -2.84 -29.26
C PHE C 33 8.59 -2.90 -30.29
N LYS C 34 9.38 -1.82 -30.36
CA LYS C 34 10.48 -1.78 -31.32
C LYS C 34 11.61 -2.71 -30.90
N HIS C 35 11.96 -2.74 -29.62
CA HIS C 35 13.07 -3.55 -29.13
C HIS C 35 12.66 -4.66 -28.17
N LEU C 36 11.45 -4.61 -27.63
CA LEU C 36 11.02 -5.56 -26.60
C LEU C 36 10.06 -6.58 -27.19
N SER C 37 9.88 -7.67 -26.46
CA SER C 37 9.10 -8.79 -26.96
C SER C 37 7.62 -8.41 -27.12
N LEU C 38 6.98 -9.11 -28.05
CA LEU C 38 5.56 -8.98 -28.28
C LEU C 38 4.77 -9.50 -27.09
N ARG C 39 3.77 -8.75 -26.64
CA ARG C 39 3.02 -9.11 -25.44
C ARG C 39 1.80 -9.95 -25.86
N TYR C 40 2.07 -11.23 -26.11
CA TYR C 40 1.03 -12.17 -26.46
C TYR C 40 -0.03 -12.25 -25.38
N GLY C 41 -1.29 -12.24 -25.79
CA GLY C 41 -2.41 -12.32 -24.87
C GLY C 41 -2.91 -11.00 -24.33
N ALA C 42 -2.21 -9.90 -24.61
CA ALA C 42 -2.65 -8.60 -24.11
C ALA C 42 -4.06 -8.26 -24.58
N ASN C 43 -4.42 -8.66 -25.80
CA ASN C 43 -5.75 -8.36 -26.31
C ASN C 43 -6.84 -8.99 -25.44
N PHE C 44 -6.57 -10.20 -24.92
CA PHE C 44 -7.51 -10.84 -24.00
C PHE C 44 -7.66 -10.05 -22.71
N ASP C 45 -6.56 -9.48 -22.20
CA ASP C 45 -6.64 -8.70 -20.97
C ASP C 45 -7.48 -7.44 -21.19
N ILE C 46 -7.28 -6.74 -22.31
CA ILE C 46 -8.08 -5.56 -22.61
C ILE C 46 -9.57 -5.92 -22.63
N ILE C 47 -9.91 -6.99 -23.34
CA ILE C 47 -11.32 -7.38 -23.49
C ILE C 47 -11.95 -7.65 -22.13
N GLY C 48 -11.25 -8.39 -21.28
CA GLY C 48 -11.81 -8.71 -19.98
C GLY C 48 -11.95 -7.50 -19.08
N MET C 49 -10.95 -6.61 -19.08
CA MET C 49 -11.03 -5.43 -18.21
C MET C 49 -12.05 -4.43 -18.74
N LYS C 50 -12.11 -4.25 -20.06
CA LYS C 50 -13.11 -3.37 -20.65
C LYS C 50 -14.52 -3.84 -20.30
N GLY C 51 -14.78 -5.15 -20.45
CA GLY C 51 -16.10 -5.67 -20.11
C GLY C 51 -16.42 -5.54 -18.63
N LEU C 52 -15.43 -5.76 -17.76
CA LEU C 52 -15.65 -5.61 -16.33
C LEU C 52 -15.96 -4.16 -15.97
N LEU C 53 -15.17 -3.23 -16.49
CA LEU C 53 -15.39 -1.83 -16.14
C LEU C 53 -16.72 -1.31 -16.70
N GLU C 54 -17.12 -1.80 -17.87
CA GLU C 54 -18.44 -1.42 -18.39
C GLU C 54 -19.56 -2.00 -17.54
N ASP C 55 -19.38 -3.22 -17.05
CA ASP C 55 -20.39 -3.80 -16.16
C ASP C 55 -20.46 -3.07 -14.83
N LEU C 56 -19.35 -2.47 -14.39
CA LEU C 56 -19.34 -1.67 -13.18
C LEU C 56 -19.82 -0.25 -13.40
N GLY C 57 -20.15 0.12 -14.63
CA GLY C 57 -20.71 1.41 -14.92
C GLY C 57 -19.77 2.44 -15.49
N TYR C 58 -18.61 2.03 -16.00
CA TYR C 58 -17.61 2.96 -16.51
C TYR C 58 -17.63 2.95 -18.03
N ASP C 59 -17.61 4.15 -18.63
CA ASP C 59 -17.33 4.27 -20.05
C ASP C 59 -15.81 4.20 -20.22
N VAL C 60 -15.34 3.22 -20.98
CA VAL C 60 -13.93 2.86 -21.00
C VAL C 60 -13.27 3.48 -22.22
N VAL C 61 -12.24 4.29 -21.96
CA VAL C 61 -11.36 4.83 -23.00
C VAL C 61 -10.17 3.88 -23.14
N VAL C 62 -9.90 3.43 -24.37
CA VAL C 62 -8.81 2.51 -24.64
C VAL C 62 -7.80 3.18 -25.56
N LYS C 63 -6.55 3.24 -25.14
CA LYS C 63 -5.46 3.83 -25.92
C LYS C 63 -4.31 2.83 -25.99
N GLU C 64 -3.83 2.57 -27.20
CA GLU C 64 -2.79 1.53 -27.39
C GLU C 64 -1.59 2.04 -28.19
N GLU C 65 -0.47 1.33 -28.09
CA GLU C 65 0.78 1.59 -28.85
C GLU C 65 1.30 3.01 -28.63
N LEU C 66 1.50 3.39 -27.37
CA LEU C 66 1.97 4.75 -27.02
C LEU C 66 3.40 4.73 -26.47
N THR C 67 4.17 5.75 -26.84
CA THR C 67 5.43 6.02 -26.18
C THR C 67 5.17 6.52 -24.76
N ALA C 68 6.24 6.66 -23.98
CA ALA C 68 6.10 7.19 -22.63
C ALA C 68 5.55 8.61 -22.66
N GLU C 69 5.98 9.40 -23.64
CA GLU C 69 5.45 10.75 -23.80
C GLU C 69 4.01 10.72 -24.28
N GLY C 70 3.65 9.73 -25.11
CA GLY C 70 2.26 9.58 -25.53
C GLY C 70 1.36 9.10 -24.41
N MET C 71 1.88 8.21 -23.54
CA MET C 71 1.12 7.78 -22.38
C MET C 71 0.86 8.95 -21.42
N GLU C 72 1.86 9.80 -21.23
CA GLU C 72 1.68 10.97 -20.38
C GLU C 72 0.64 11.92 -20.95
N SER C 73 0.68 12.13 -22.28
CA SER C 73 -0.24 13.07 -22.91
C SER C 73 -1.68 12.59 -22.82
N GLU C 74 -1.91 11.28 -23.03
CA GLU C 74 -3.26 10.74 -22.98
C GLU C 74 -3.82 10.77 -21.56
N MET C 75 -2.99 10.46 -20.55
CA MET C 75 -3.45 10.53 -19.17
C MET C 75 -3.85 11.94 -18.78
N LYS C 76 -3.05 12.94 -19.20
CA LYS C 76 -3.41 14.33 -18.91
C LYS C 76 -4.73 14.70 -19.60
N ASP C 77 -4.90 14.29 -20.86
CA ASP C 77 -6.17 14.52 -21.55
C ASP C 77 -7.32 13.84 -20.83
N PHE C 78 -7.11 12.59 -20.40
CA PHE C 78 -8.14 11.89 -19.65
C PHE C 78 -8.41 12.55 -18.31
N ALA C 79 -7.36 13.00 -17.61
CA ALA C 79 -7.55 13.65 -16.33
C ALA C 79 -8.36 14.94 -16.46
N ALA C 80 -8.32 15.57 -17.63
CA ALA C 80 -8.99 16.85 -17.85
C ALA C 80 -10.43 16.71 -18.34
N LEU C 81 -10.90 15.50 -18.59
CA LEU C 81 -12.27 15.30 -19.08
C LEU C 81 -13.28 15.88 -18.10
N SER C 82 -14.22 16.68 -18.63
CA SER C 82 -15.20 17.31 -17.75
C SER C 82 -16.15 16.30 -17.12
N GLU C 83 -16.31 15.12 -17.73
CA GLU C 83 -17.20 14.09 -17.20
C GLU C 83 -16.76 13.57 -15.83
N HIS C 84 -15.52 13.82 -15.43
CA HIS C 84 -15.13 13.38 -14.09
C HIS C 84 -15.89 14.13 -13.00
N GLN C 85 -16.28 15.39 -13.27
CA GLN C 85 -17.02 16.14 -12.27
C GLN C 85 -18.37 15.50 -11.97
N THR C 86 -19.01 14.90 -12.98
CA THR C 86 -20.25 14.18 -12.77
C THR C 86 -20.03 12.68 -12.54
N SER C 87 -18.84 12.30 -12.12
CA SER C 87 -18.52 10.92 -11.77
C SER C 87 -18.21 10.87 -10.28
N ASP C 88 -18.03 9.65 -9.77
CA ASP C 88 -17.74 9.47 -8.33
C ASP C 88 -16.41 8.75 -8.13
N SER C 89 -15.77 8.29 -9.21
CA SER C 89 -14.51 7.50 -9.14
C SER C 89 -13.91 7.32 -10.53
N THR C 90 -12.71 6.74 -10.58
CA THR C 90 -12.11 6.34 -11.87
C THR C 90 -11.19 5.14 -11.69
N PHE C 91 -11.02 4.36 -12.76
CA PHE C 91 -10.03 3.31 -12.85
C PHE C 91 -9.04 3.66 -13.95
N LEU C 92 -7.75 3.51 -13.65
CA LEU C 92 -6.69 3.61 -14.64
C LEU C 92 -6.00 2.25 -14.71
N VAL C 93 -6.06 1.62 -15.89
CA VAL C 93 -5.52 0.27 -16.08
C VAL C 93 -4.35 0.37 -17.05
N LEU C 94 -3.16 -0.01 -16.59
CA LEU C 94 -1.93 0.11 -17.38
C LEU C 94 -1.39 -1.28 -17.66
N MET C 95 -1.20 -1.60 -18.95
CA MET C 95 -0.74 -2.91 -19.40
C MET C 95 0.45 -2.71 -20.35
N SER C 96 1.64 -3.14 -19.94
CA SER C 96 2.80 -3.02 -20.81
C SER C 96 3.92 -3.86 -20.21
N HIS C 97 5.06 -3.86 -20.88
CA HIS C 97 6.29 -4.20 -20.19
C HIS C 97 6.56 -3.13 -19.14
N GLY C 98 7.16 -3.53 -18.03
CA GLY C 98 7.37 -2.63 -16.92
C GLY C 98 8.78 -2.76 -16.37
N THR C 99 9.22 -1.69 -15.72
CA THR C 99 10.44 -1.65 -14.94
C THR C 99 10.10 -1.43 -13.48
N LEU C 100 11.12 -1.37 -12.64
CA LEU C 100 10.91 -1.28 -11.19
C LEU C 100 10.02 -0.09 -10.83
N HIS C 101 10.32 1.08 -11.39
CA HIS C 101 9.61 2.30 -11.01
C HIS C 101 8.83 2.92 -12.16
N GLY C 102 8.67 2.21 -13.28
CA GLY C 102 7.95 2.82 -14.39
C GLY C 102 7.43 1.79 -15.35
N ILE C 103 6.64 2.27 -16.30
CA ILE C 103 6.01 1.44 -17.32
C ILE C 103 6.56 1.84 -18.69
N CYS C 104 6.76 0.84 -19.54
CA CYS C 104 7.54 1.01 -20.77
C CYS C 104 6.66 1.48 -21.94
N GLY C 105 7.15 2.48 -22.66
CA GLY C 105 6.57 2.82 -23.94
C GLY C 105 7.06 1.90 -25.04
N THR C 106 6.47 2.06 -26.22
CA THR C 106 6.77 1.17 -27.34
C THR C 106 8.24 1.24 -27.74
N MET C 107 8.90 2.37 -27.50
CA MET C 107 10.26 2.62 -27.97
C MET C 107 11.31 2.25 -26.95
N HIS C 108 10.93 1.71 -25.79
CA HIS C 108 11.90 1.51 -24.72
C HIS C 108 12.95 0.48 -25.08
N SER C 109 14.21 0.84 -24.85
CA SER C 109 15.32 -0.09 -24.81
C SER C 109 16.27 0.37 -23.72
N GLU C 110 17.21 -0.51 -23.36
CA GLU C 110 18.16 -0.17 -22.31
C GLU C 110 19.01 1.03 -22.71
N LYS C 111 19.30 1.18 -24.00
CA LYS C 111 20.12 2.29 -24.47
C LYS C 111 19.28 3.51 -24.83
N THR C 112 18.04 3.30 -25.28
CA THR C 112 17.10 4.38 -25.58
C THR C 112 15.90 4.22 -24.66
N PRO C 113 16.01 4.71 -23.41
CA PRO C 113 14.93 4.49 -22.44
C PRO C 113 13.68 5.28 -22.80
N ASP C 114 12.51 4.60 -22.67
CA ASP C 114 11.20 5.19 -22.96
C ASP C 114 10.26 4.68 -21.86
N VAL C 115 10.32 5.35 -20.71
CA VAL C 115 9.64 4.88 -19.51
C VAL C 115 8.85 6.04 -18.90
N LEU C 116 7.62 5.77 -18.51
CA LEU C 116 6.82 6.70 -17.73
C LEU C 116 6.85 6.25 -16.27
N GLN C 117 7.35 7.11 -15.39
CA GLN C 117 7.47 6.75 -13.98
C GLN C 117 6.09 6.69 -13.34
N TYR C 118 5.88 5.67 -12.49
CA TYR C 118 4.60 5.60 -11.79
C TYR C 118 4.36 6.86 -10.96
N ASP C 119 5.43 7.44 -10.40
CA ASP C 119 5.30 8.69 -9.64
C ASP C 119 4.63 9.78 -10.48
N THR C 120 4.96 9.86 -11.77
CA THR C 120 4.38 10.87 -12.65
C THR C 120 2.87 10.70 -12.77
N ILE C 121 2.39 9.46 -12.66
CA ILE C 121 0.96 9.18 -12.80
C ILE C 121 0.17 9.80 -11.66
N TYR C 122 0.69 9.65 -10.43
CA TYR C 122 0.04 10.29 -9.28
C TYR C 122 -0.02 11.79 -9.46
N GLN C 123 1.06 12.39 -9.96
CA GLN C 123 1.06 13.84 -10.13
C GLN C 123 -0.03 14.27 -11.10
N ILE C 124 -0.21 13.54 -12.19
CA ILE C 124 -1.19 13.93 -13.21
C ILE C 124 -2.60 13.92 -12.64
N PHE C 125 -2.89 12.98 -11.73
CA PHE C 125 -4.24 12.79 -11.23
C PHE C 125 -4.46 13.33 -9.82
N ASN C 126 -3.49 13.99 -9.21
CA ASN C 126 -3.68 14.39 -7.81
C ASN C 126 -4.55 15.64 -7.72
N ASN C 127 -4.74 16.13 -6.48
CA ASN C 127 -5.66 17.24 -6.24
C ASN C 127 -5.17 18.55 -6.83
N CYS C 128 -3.88 18.67 -7.10
CA CYS C 128 -3.36 19.87 -7.75
C CYS C 128 -3.69 19.89 -9.23
N HIS C 129 -3.62 18.73 -9.90
CA HIS C 129 -3.68 18.69 -11.35
C HIS C 129 -4.95 18.10 -11.93
N CYS C 130 -5.85 17.55 -11.11
CA CYS C 130 -7.08 16.93 -11.60
C CYS C 130 -8.22 17.34 -10.69
N PRO C 131 -8.82 18.51 -10.93
CA PRO C 131 -9.88 18.98 -10.02
C PRO C 131 -11.14 18.14 -10.08
N GLY C 132 -11.43 17.53 -11.25
CA GLY C 132 -12.67 16.79 -11.40
C GLY C 132 -12.74 15.54 -10.56
N LEU C 133 -11.60 14.98 -10.19
CA LEU C 133 -11.56 13.78 -9.36
C LEU C 133 -11.14 14.06 -7.92
N ARG C 134 -11.20 15.34 -7.51
CA ARG C 134 -10.82 15.68 -6.12
C ARG C 134 -11.81 15.00 -5.18
N ASP C 135 -11.29 14.33 -4.14
CA ASP C 135 -12.03 13.58 -3.07
C ASP C 135 -12.66 12.29 -3.60
N LYS C 136 -12.31 11.85 -4.80
CA LYS C 136 -12.93 10.65 -5.42
C LYS C 136 -11.87 9.55 -5.59
N PRO C 137 -12.20 8.28 -5.32
CA PRO C 137 -11.21 7.23 -5.44
C PRO C 137 -10.65 7.14 -6.87
N LYS C 138 -9.33 7.02 -6.95
CA LYS C 138 -8.60 6.85 -8.20
C LYS C 138 -7.85 5.54 -8.10
N VAL C 139 -8.33 4.53 -8.83
CA VAL C 139 -7.83 3.16 -8.73
C VAL C 139 -6.90 2.88 -9.89
N ILE C 140 -5.64 2.59 -9.60
CA ILE C 140 -4.63 2.30 -10.61
C ILE C 140 -4.34 0.81 -10.61
N ILE C 141 -4.60 0.16 -11.74
CA ILE C 141 -4.34 -1.27 -11.93
C ILE C 141 -3.13 -1.40 -12.85
N VAL C 142 -2.07 -2.05 -12.38
CA VAL C 142 -0.81 -2.11 -13.12
C VAL C 142 -0.52 -3.56 -13.52
N GLN C 143 -0.70 -3.84 -14.82
CA GLN C 143 -0.38 -5.13 -15.42
C GLN C 143 1.00 -5.01 -16.08
N ALA C 144 2.03 -5.29 -15.30
CA ALA C 144 3.42 -5.14 -15.70
C ALA C 144 4.29 -5.82 -14.64
N ALA C 145 5.43 -6.35 -15.08
CA ALA C 145 6.41 -6.84 -14.12
C ALA C 145 7.15 -5.66 -13.51
N ARG C 146 7.82 -5.91 -12.39
CA ARG C 146 8.63 -4.88 -11.77
C ARG C 146 10.07 -5.34 -11.58
N GLY C 147 10.51 -6.25 -12.45
CA GLY C 147 11.86 -6.76 -12.41
C GLY C 147 11.95 -8.04 -13.19
N GLY C 148 13.16 -8.60 -13.22
CA GLY C 148 13.43 -9.82 -13.95
C GLY C 148 13.68 -11.05 -13.11
N ASN C 149 13.46 -10.97 -11.79
CA ASN C 149 13.78 -12.08 -10.91
C ASN C 149 12.57 -12.96 -10.67
N SER C 150 12.83 -14.25 -10.49
CA SER C 150 11.77 -15.19 -10.12
C SER C 150 11.23 -14.85 -8.73
N GLY C 151 9.93 -15.06 -8.55
CA GLY C 151 9.24 -14.71 -7.32
C GLY C 151 9.00 -15.86 -6.38
N GLU C 152 9.58 -17.02 -6.64
CA GLU C 152 9.48 -18.15 -5.74
C GLU C 152 10.89 -18.58 -5.32
N MET C 153 10.94 -19.26 -4.18
CA MET C 153 12.18 -19.79 -3.66
C MET C 153 11.93 -21.20 -3.17
N TRP C 154 13.01 -21.93 -2.94
CA TRP C 154 12.95 -23.28 -2.41
C TRP C 154 13.46 -23.29 -0.98
N ILE C 155 12.67 -23.86 -0.07
CA ILE C 155 13.05 -23.93 1.34
C ILE C 155 12.88 -25.36 1.84
N ALA D 1 -15.19 30.65 0.25
CA ALA D 1 -15.00 30.23 -1.13
C ALA D 1 -13.75 29.36 -1.27
N VAL D 2 -12.64 29.84 -0.73
CA VAL D 2 -11.38 29.12 -0.78
C VAL D 2 -11.32 28.11 0.36
N LYS D 3 -10.68 26.97 0.12
CA LYS D 3 -10.55 25.97 1.16
C LYS D 3 -9.22 25.26 1.02
N LEU D 4 -8.86 24.51 2.06
CA LEU D 4 -7.62 23.76 2.10
C LEU D 4 -7.86 22.35 1.57
N SER D 5 -6.82 21.78 0.95
CA SER D 5 -6.94 20.48 0.33
C SER D 5 -5.60 19.77 0.43
N HIS D 6 -5.64 18.45 0.65
CA HIS D 6 -4.43 17.63 0.53
C HIS D 6 -3.91 17.69 -0.89
N VAL D 7 -2.59 17.54 -1.03
CA VAL D 7 -2.01 17.46 -2.38
C VAL D 7 -2.36 16.13 -3.02
N GLU D 8 -2.13 15.03 -2.30
CA GLU D 8 -2.34 13.68 -2.82
C GLU D 8 -3.19 12.89 -1.84
N LYS D 9 -4.35 12.42 -2.30
CA LYS D 9 -5.26 11.66 -1.46
C LYS D 9 -6.18 10.85 -2.37
N ASP D 10 -6.75 9.78 -1.82
CA ASP D 10 -7.78 8.97 -2.47
C ASP D 10 -7.25 8.14 -3.64
N PHE D 11 -5.99 7.70 -3.54
CA PHE D 11 -5.39 6.78 -4.51
C PHE D 11 -5.30 5.38 -3.94
N ILE D 12 -5.35 4.39 -4.81
CA ILE D 12 -4.91 3.03 -4.48
C ILE D 12 -4.40 2.39 -5.76
N ALA D 13 -3.26 1.71 -5.67
CA ALA D 13 -2.67 1.03 -6.81
C ALA D 13 -2.57 -0.45 -6.51
N PHE D 14 -2.84 -1.27 -7.52
CA PHE D 14 -2.76 -2.72 -7.41
C PHE D 14 -1.86 -3.20 -8.53
N TYR D 15 -0.65 -3.63 -8.16
CA TYR D 15 0.34 -4.17 -9.09
C TYR D 15 0.22 -5.69 -9.18
N SER D 16 0.50 -6.22 -10.37
CA SER D 16 0.40 -7.66 -10.59
C SER D 16 1.46 -8.45 -9.82
N THR D 17 2.56 -7.82 -9.45
CA THR D 17 3.66 -8.52 -8.78
C THR D 17 4.26 -7.65 -7.69
N THR D 18 5.13 -8.26 -6.90
CA THR D 18 5.91 -7.53 -5.89
C THR D 18 7.11 -6.90 -6.60
N PRO D 19 7.80 -5.90 -6.01
CA PRO D 19 8.95 -5.31 -6.67
C PRO D 19 10.03 -6.34 -6.97
N HIS D 20 10.71 -6.17 -8.10
CA HIS D 20 11.86 -6.94 -8.66
C HIS D 20 11.43 -8.28 -9.27
N HIS D 21 10.12 -8.56 -9.32
CA HIS D 21 9.65 -9.91 -9.74
C HIS D 21 8.82 -9.91 -11.02
N LEU D 22 8.74 -11.08 -11.63
CA LEU D 22 8.09 -11.34 -12.91
C LEU D 22 6.58 -11.56 -12.73
N SER D 23 5.87 -11.38 -13.84
CA SER D 23 4.43 -11.61 -13.94
C SER D 23 4.20 -12.71 -14.98
N TYR D 24 3.15 -13.51 -14.78
CA TYR D 24 2.97 -14.69 -15.61
C TYR D 24 1.61 -14.72 -16.30
N ARG D 25 1.54 -15.51 -17.38
CA ARG D 25 0.33 -15.72 -18.17
C ARG D 25 -0.01 -17.20 -18.23
N ASP D 26 -1.29 -17.50 -18.36
CA ASP D 26 -1.73 -18.89 -18.44
C ASP D 26 -1.50 -19.44 -19.86
N LYS D 27 -1.95 -20.67 -20.07
CA LYS D 27 -1.83 -21.32 -21.37
C LYS D 27 -2.52 -20.51 -22.46
N THR D 28 -3.74 -20.03 -22.17
CA THR D 28 -4.50 -19.24 -23.14
C THR D 28 -3.82 -17.92 -23.48
N GLY D 29 -2.87 -17.47 -22.66
CA GLY D 29 -2.22 -16.19 -22.84
C GLY D 29 -2.75 -15.09 -21.95
N GLY D 30 -3.80 -15.36 -21.18
CA GLY D 30 -4.34 -14.35 -20.29
C GLY D 30 -3.46 -14.15 -19.07
N SER D 31 -3.36 -12.90 -18.63
CA SER D 31 -2.66 -12.60 -17.39
C SER D 31 -3.39 -13.21 -16.20
N TYR D 32 -2.67 -14.01 -15.41
CA TYR D 32 -3.25 -14.55 -14.18
C TYR D 32 -3.84 -13.45 -13.32
N PHE D 33 -3.08 -12.38 -13.11
CA PHE D 33 -3.53 -11.24 -12.32
C PHE D 33 -4.87 -10.70 -12.84
N ILE D 34 -4.95 -10.41 -14.14
CA ILE D 34 -6.17 -9.83 -14.69
C ILE D 34 -7.32 -10.82 -14.58
N THR D 35 -7.07 -12.09 -14.90
CA THR D 35 -8.12 -13.10 -14.81
C THR D 35 -8.68 -13.22 -13.40
N ARG D 36 -7.80 -13.30 -12.39
CA ARG D 36 -8.25 -13.40 -11.00
C ARG D 36 -8.95 -12.12 -10.55
N LEU D 37 -8.42 -10.97 -10.93
CA LEU D 37 -9.04 -9.69 -10.58
C LEU D 37 -10.47 -9.64 -11.09
N ILE D 38 -10.69 -10.03 -12.35
CA ILE D 38 -12.04 -10.01 -12.93
C ILE D 38 -12.94 -10.97 -12.19
N SER D 39 -12.45 -12.20 -11.96
CA SER D 39 -13.25 -13.20 -11.26
C SER D 39 -13.66 -12.70 -9.87
N CYS D 40 -12.72 -12.11 -9.12
CA CYS D 40 -13.05 -11.65 -7.78
C CYS D 40 -14.03 -10.47 -7.81
N PHE D 41 -13.87 -9.56 -8.77
CA PHE D 41 -14.82 -8.47 -8.90
C PHE D 41 -16.22 -9.00 -9.20
N ARG D 42 -16.35 -9.89 -10.19
CA ARG D 42 -17.67 -10.37 -10.55
C ARG D 42 -18.32 -11.14 -9.41
N LYS D 43 -17.52 -11.71 -8.52
CA LYS D 43 -18.05 -12.51 -7.41
C LYS D 43 -18.34 -11.67 -6.16
N HIS D 44 -17.52 -10.66 -5.88
CA HIS D 44 -17.60 -9.97 -4.59
C HIS D 44 -17.97 -8.49 -4.68
N ALA D 45 -18.06 -7.91 -5.88
CA ALA D 45 -18.31 -6.47 -5.99
C ALA D 45 -19.63 -6.04 -5.36
N CYS D 46 -20.59 -6.96 -5.26
CA CYS D 46 -21.89 -6.61 -4.70
C CYS D 46 -21.88 -6.54 -3.18
N SER D 47 -20.90 -7.16 -2.52
CA SER D 47 -20.89 -7.22 -1.07
C SER D 47 -19.61 -6.72 -0.41
N CYS D 48 -18.53 -6.53 -1.15
CA CYS D 48 -17.24 -6.18 -0.56
C CYS D 48 -16.73 -4.87 -1.13
N HIS D 49 -16.05 -4.10 -0.29
CA HIS D 49 -15.43 -2.87 -0.77
C HIS D 49 -14.12 -3.19 -1.50
N LEU D 50 -13.58 -2.16 -2.17
CA LEU D 50 -12.49 -2.38 -3.12
C LEU D 50 -11.28 -3.03 -2.46
N PHE D 51 -10.80 -2.47 -1.35
CA PHE D 51 -9.61 -3.03 -0.71
C PHE D 51 -9.81 -4.49 -0.33
N ASP D 52 -11.04 -4.84 0.06
CA ASP D 52 -11.33 -6.22 0.43
C ASP D 52 -11.29 -7.14 -0.78
N ILE D 53 -11.77 -6.66 -1.93
CA ILE D 53 -11.69 -7.43 -3.17
C ILE D 53 -10.24 -7.67 -3.56
N PHE D 54 -9.39 -6.63 -3.43
CA PHE D 54 -7.97 -6.79 -3.73
C PHE D 54 -7.34 -7.84 -2.82
N LEU D 55 -7.69 -7.83 -1.54
CA LEU D 55 -7.20 -8.84 -0.61
C LEU D 55 -7.61 -10.24 -1.03
N LYS D 56 -8.82 -10.38 -1.59
CA LYS D 56 -9.25 -11.69 -2.07
C LYS D 56 -8.46 -12.14 -3.29
N VAL D 57 -8.05 -11.20 -4.13
CA VAL D 57 -7.16 -11.53 -5.25
C VAL D 57 -5.81 -11.99 -4.73
N GLN D 58 -5.25 -11.28 -3.73
CA GLN D 58 -3.97 -11.68 -3.17
C GLN D 58 -4.07 -13.05 -2.50
N GLN D 59 -5.20 -13.33 -1.86
CA GLN D 59 -5.38 -14.63 -1.23
C GLN D 59 -5.38 -15.76 -2.25
N SER D 60 -5.89 -15.52 -3.47
CA SER D 60 -5.87 -16.57 -4.49
C SER D 60 -4.46 -16.90 -4.94
N PHE D 61 -3.50 -15.99 -4.75
CA PHE D 61 -2.11 -16.23 -5.10
C PHE D 61 -1.28 -16.73 -3.93
N GLU D 62 -1.90 -17.00 -2.77
CA GLU D 62 -1.15 -17.23 -1.54
C GLU D 62 -0.29 -18.49 -1.63
N LYS D 63 -0.82 -19.58 -2.17
CA LYS D 63 -0.02 -20.79 -2.30
C LYS D 63 1.02 -20.64 -3.39
N ALA D 64 2.27 -20.92 -3.05
CA ALA D 64 3.37 -20.76 -3.98
C ALA D 64 3.39 -21.90 -4.99
N SER D 65 3.84 -21.58 -6.20
CA SER D 65 4.00 -22.55 -7.28
C SER D 65 5.32 -22.26 -7.98
N ILE D 66 5.61 -23.02 -9.04
CA ILE D 66 6.88 -22.84 -9.74
C ILE D 66 6.95 -21.49 -10.45
N HIS D 67 5.82 -20.88 -10.77
CA HIS D 67 5.78 -19.54 -11.38
C HIS D 67 4.96 -18.63 -10.48
N SER D 68 5.51 -18.31 -9.31
CA SER D 68 4.79 -17.57 -8.29
C SER D 68 4.82 -16.07 -8.56
N GLN D 69 3.70 -15.42 -8.23
CA GLN D 69 3.67 -13.98 -8.14
C GLN D 69 2.70 -13.60 -7.03
N MET D 70 2.88 -12.41 -6.48
CA MET D 70 2.01 -11.89 -5.43
C MET D 70 1.61 -10.48 -5.76
N PRO D 71 0.37 -10.24 -6.20
CA PRO D 71 -0.09 -8.87 -6.41
C PRO D 71 0.07 -8.04 -5.14
N THR D 72 0.32 -6.75 -5.33
CA THR D 72 0.77 -5.88 -4.26
C THR D 72 -0.05 -4.59 -4.28
N ILE D 73 -0.58 -4.20 -3.12
CA ILE D 73 -1.29 -2.93 -2.97
C ILE D 73 -0.28 -1.87 -2.58
N ASP D 74 -0.37 -0.69 -3.19
CA ASP D 74 0.71 0.28 -3.05
C ASP D 74 0.15 1.70 -2.99
N ARG D 75 0.90 2.56 -2.28
CA ARG D 75 0.65 4.01 -2.22
C ARG D 75 -0.84 4.32 -2.00
N ALA D 76 -1.42 3.67 -1.00
CA ALA D 76 -2.86 3.71 -0.79
C ALA D 76 -3.21 4.84 0.18
N THR D 77 -4.03 5.79 -0.28
CA THR D 77 -4.48 6.91 0.53
C THR D 77 -6.00 7.05 0.49
N LEU D 78 -6.69 5.93 0.35
CA LEU D 78 -8.13 5.92 0.57
C LEU D 78 -8.39 6.22 2.04
N THR D 79 -9.32 7.13 2.31
CA THR D 79 -9.69 7.45 3.68
C THR D 79 -11.03 6.86 4.07
N ARG D 80 -11.69 6.18 3.13
CA ARG D 80 -12.99 5.56 3.35
C ARG D 80 -13.01 4.22 2.66
N TYR D 81 -14.07 3.45 2.93
CA TYR D 81 -14.34 2.24 2.17
C TYR D 81 -14.92 2.62 0.80
N PHE D 82 -14.46 1.95 -0.25
CA PHE D 82 -14.96 2.20 -1.60
C PHE D 82 -15.81 1.01 -2.01
N TYR D 83 -17.13 1.16 -1.88
CA TYR D 83 -18.10 0.18 -2.36
C TYR D 83 -18.60 0.62 -3.73
N LEU D 84 -18.61 -0.30 -4.69
CA LEU D 84 -19.01 0.08 -6.04
C LEU D 84 -20.51 0.03 -6.26
N PHE D 85 -21.25 -0.72 -5.46
CA PHE D 85 -22.70 -0.85 -5.60
C PHE D 85 -23.12 -1.16 -7.03
N PRO D 86 -22.70 -2.30 -7.59
CA PRO D 86 -23.02 -2.59 -9.00
C PRO D 86 -24.52 -2.75 -9.19
N GLY D 87 -24.97 -2.38 -10.40
CA GLY D 87 -26.37 -2.35 -10.73
C GLY D 87 -27.06 -1.04 -10.38
N ASN D 88 -26.48 -0.23 -9.50
CA ASN D 88 -27.04 1.06 -9.13
C ASN D 88 -26.16 2.19 -9.64
#